data_3UCL
#
_entry.id   3UCL
#
_cell.length_a   55.538
_cell.length_b   67.105
_cell.length_c   131.409
_cell.angle_alpha   90.00
_cell.angle_beta   90.00
_cell.angle_gamma   90.00
#
_symmetry.space_group_name_H-M   'P 21 21 21'
#
loop_
_entity.id
_entity.type
_entity.pdbx_description
1 polymer 'Cyclohexanone monooxygenase'
2 non-polymer 'FLAVIN-ADENINE DINUCLEOTIDE'
3 non-polymer 'NADP NICOTINAMIDE-ADENINE-DINUCLEOTIDE PHOSPHATE'
4 non-polymer CYCLOHEXANONE
5 water water
#
_entity_poly.entity_id   1
_entity_poly.type   'polypeptide(L)'
_entity_poly.pdbx_seq_one_letter_code
;MGSSHHHHHHHHDYDIPTTENLYFQGSLEASMHMTAQTTHTVDAVVIGAGFGGIYAVHKLHHELGLTTVGFDKADGPGGT
WYWNRYPGALSDTESHLYRFSFDRDLLQESTWKTTYITQPEILEYLEDVVDRFDLRRHFKFGTEVTSALYLDDENLWEVT
TDHGEVYRAKYVVNAVGLLSAINFPNLPGLDTFEGETIHTAAWPEGKSLAGRRVGVIGTGSTGQQVITSLAPEVEHLTVF
VRTPQYSVPVGNRPVNPEQIAEIKADYDRIWERAKNSAVAFGFEESTLPAMSVSEEERNRIFQEAWDHGGGFRFMFGTFG
DIATDEAANEAAASFIRAKVAEIIEDPETARKLMPKGLFAKRPLCDSGYYEVYNRPNVEAVAIKENPIREVTAKGVVTED
GVLHELDVLVFATGFDAVDGNYRRIEIRGRDGLHINDHWDGQPTSYLGVSTANFPNWFMVLGPNGPFTNLPPSIETQVEW
ISDTIGYAERNGVRAIEPTPEAEAEWTETCTEIANATLFTKGDSWIFGANIPGKKPSVLFYLGGLRNYRAVMAEVAADGY
RGFEVKSAEMVTV
;
_entity_poly.pdbx_strand_id   A
#
# COMPACT_ATOMS: atom_id res chain seq x y z
N THR A 38 -14.31 -30.90 -11.04
CA THR A 38 -12.95 -31.48 -10.80
C THR A 38 -12.26 -30.88 -9.56
N THR A 39 -11.71 -31.77 -8.74
CA THR A 39 -11.39 -31.48 -7.33
C THR A 39 -9.96 -31.88 -7.02
N HIS A 40 -9.18 -30.93 -6.49
CA HIS A 40 -7.77 -31.16 -6.13
C HIS A 40 -7.57 -31.02 -4.64
N THR A 41 -6.76 -31.89 -4.05
CA THR A 41 -6.53 -31.80 -2.62
C THR A 41 -5.08 -31.44 -2.34
N VAL A 42 -4.87 -30.33 -1.62
CA VAL A 42 -3.55 -29.71 -1.40
C VAL A 42 -3.31 -29.40 0.08
N ASP A 43 -2.10 -29.00 0.43
CA ASP A 43 -1.86 -28.59 1.80
C ASP A 43 -2.22 -27.12 2.00
N ALA A 44 -1.85 -26.25 1.05
CA ALA A 44 -2.11 -24.86 1.24
C ALA A 44 -2.56 -24.18 -0.02
N VAL A 45 -3.53 -23.27 0.13
CA VAL A 45 -3.90 -22.31 -0.90
C VAL A 45 -3.30 -20.91 -0.56
N VAL A 46 -2.60 -20.31 -1.53
CA VAL A 46 -2.23 -18.91 -1.41
C VAL A 46 -2.99 -18.06 -2.42
N ILE A 47 -3.84 -17.18 -1.92
CA ILE A 47 -4.59 -16.28 -2.77
C ILE A 47 -3.87 -14.95 -2.89
N GLY A 48 -3.55 -14.54 -4.14
CA GLY A 48 -2.71 -13.34 -4.42
C GLY A 48 -1.24 -13.62 -4.82
N ALA A 49 -0.74 -12.82 -5.77
CA ALA A 49 0.65 -12.95 -6.22
C ALA A 49 1.40 -11.62 -6.32
N GLY A 50 1.18 -10.77 -5.33
CA GLY A 50 2.03 -9.59 -5.14
C GLY A 50 3.19 -10.06 -4.31
N PHE A 51 3.91 -9.10 -3.70
CA PHE A 51 4.93 -9.40 -2.64
C PHE A 51 4.50 -10.51 -1.68
N GLY A 52 3.27 -10.40 -1.16
CA GLY A 52 2.82 -11.31 -0.11
C GLY A 52 2.61 -12.73 -0.56
N GLY A 53 1.91 -12.91 -1.68
CA GLY A 53 1.55 -14.22 -2.18
C GLY A 53 2.77 -14.95 -2.71
N ILE A 54 3.63 -14.23 -3.43
CA ILE A 54 4.89 -14.81 -3.90
C ILE A 54 5.74 -15.41 -2.73
N TYR A 55 5.92 -14.64 -1.66
CA TYR A 55 6.74 -15.12 -0.57
C TYR A 55 6.04 -16.26 0.15
N ALA A 56 4.74 -16.16 0.35
CA ALA A 56 3.98 -17.22 1.03
C ALA A 56 4.13 -18.56 0.31
N VAL A 57 4.02 -18.56 -1.02
CA VAL A 57 4.15 -19.76 -1.80
C VAL A 57 5.59 -20.28 -1.62
N HIS A 58 6.59 -19.43 -1.84
CA HIS A 58 8.00 -19.81 -1.56
C HIS A 58 8.23 -20.38 -0.15
N LYS A 59 7.68 -19.75 0.86
CA LYS A 59 7.84 -20.27 2.21
C LYS A 59 7.18 -21.64 2.35
N LEU A 60 5.89 -21.69 2.07
CA LEU A 60 5.11 -22.87 2.31
C LEU A 60 5.59 -24.04 1.48
N HIS A 61 6.07 -23.78 0.25
CA HIS A 61 6.57 -24.88 -0.58
C HIS A 61 8.03 -25.30 -0.31
N HIS A 62 8.97 -24.35 -0.27
CA HIS A 62 10.40 -24.67 -0.12
C HIS A 62 10.86 -24.93 1.32
N GLU A 63 10.41 -24.12 2.25
CA GLU A 63 10.77 -24.38 3.61
C GLU A 63 9.96 -25.54 4.13
N LEU A 64 8.65 -25.47 4.03
CA LEU A 64 7.81 -26.42 4.71
C LEU A 64 7.57 -27.72 3.92
N GLY A 65 7.84 -27.69 2.62
CA GLY A 65 7.57 -28.88 1.76
C GLY A 65 6.10 -29.17 1.59
N LEU A 66 5.30 -28.12 1.55
CA LEU A 66 3.87 -28.33 1.38
C LEU A 66 3.41 -28.18 -0.05
N THR A 67 2.52 -29.08 -0.46
CA THR A 67 1.82 -28.94 -1.71
C THR A 67 0.96 -27.69 -1.62
N THR A 68 1.30 -26.69 -2.42
CA THR A 68 0.82 -25.34 -2.25
C THR A 68 0.38 -24.83 -3.60
N VAL A 69 -0.82 -24.28 -3.69
CA VAL A 69 -1.24 -23.67 -4.94
C VAL A 69 -1.56 -22.19 -4.79
N GLY A 70 -1.07 -21.42 -5.78
CA GLY A 70 -1.24 -19.98 -5.83
C GLY A 70 -2.25 -19.55 -6.88
N PHE A 71 -2.96 -18.48 -6.58
CA PHE A 71 -3.96 -17.98 -7.52
C PHE A 71 -3.79 -16.50 -7.65
N ASP A 72 -4.11 -15.96 -8.84
CA ASP A 72 -4.29 -14.52 -9.02
C ASP A 72 -5.11 -14.24 -10.27
N LYS A 73 -6.02 -13.27 -10.18
CA LYS A 73 -6.76 -12.78 -11.33
C LYS A 73 -5.82 -12.24 -12.41
N ALA A 74 -4.71 -11.62 -11.99
CA ALA A 74 -3.70 -11.18 -12.92
C ALA A 74 -3.24 -12.34 -13.81
N ASP A 75 -2.76 -12.02 -15.01
CA ASP A 75 -2.15 -13.01 -15.89
C ASP A 75 -0.71 -13.30 -15.53
N GLY A 76 -0.19 -12.54 -14.57
CA GLY A 76 1.20 -12.66 -14.14
C GLY A 76 1.33 -12.25 -12.67
N PRO A 77 2.50 -12.54 -12.06
CA PRO A 77 2.74 -12.10 -10.71
C PRO A 77 3.01 -10.58 -10.67
N GLY A 78 2.95 -9.98 -9.48
CA GLY A 78 3.32 -8.59 -9.34
C GLY A 78 2.32 -7.81 -8.51
N GLY A 79 1.11 -8.35 -8.41
CA GLY A 79 0.04 -7.79 -7.60
C GLY A 79 -0.13 -6.34 -7.94
N THR A 80 -0.01 -5.46 -6.96
CA THR A 80 -0.41 -4.12 -7.26
C THR A 80 0.40 -3.54 -8.39
N TRP A 81 1.61 -4.05 -8.60
CA TRP A 81 2.49 -3.53 -9.67
C TRP A 81 2.24 -4.20 -11.01
N TYR A 82 1.33 -5.16 -11.00
CA TYR A 82 0.82 -5.77 -12.22
C TYR A 82 -0.31 -4.91 -12.72
N TRP A 83 -1.24 -4.52 -11.83
CA TRP A 83 -2.38 -3.75 -12.25
C TRP A 83 -2.08 -2.27 -12.48
N ASN A 84 -1.13 -1.70 -11.75
CA ASN A 84 -0.96 -0.25 -11.77
C ASN A 84 0.12 0.28 -12.76
N ARG A 85 -0.24 0.46 -14.03
CA ARG A 85 0.74 0.86 -15.03
C ARG A 85 0.52 2.25 -15.57
N TYR A 86 -0.10 3.10 -14.76
CA TYR A 86 -0.35 4.49 -15.09
C TYR A 86 0.99 5.24 -15.10
N PRO A 87 1.09 6.34 -15.90
CA PRO A 87 2.36 7.11 -16.05
C PRO A 87 2.87 7.70 -14.74
N GLY A 88 4.16 7.52 -14.46
CA GLY A 88 4.76 8.10 -13.25
C GLY A 88 4.51 7.29 -11.99
N ALA A 89 3.93 6.11 -12.14
CA ALA A 89 3.91 5.18 -11.03
C ALA A 89 5.34 5.08 -10.43
N LEU A 90 5.45 5.29 -9.12
CA LEU A 90 6.75 5.31 -8.42
C LEU A 90 6.56 4.90 -6.96
N SER A 91 7.50 4.09 -6.43
CA SER A 91 7.59 3.80 -4.99
C SER A 91 7.81 5.09 -4.16
N ASP A 92 7.28 5.15 -2.93
CA ASP A 92 7.75 6.15 -1.94
C ASP A 92 8.78 5.58 -0.95
N THR A 93 9.16 4.32 -1.13
CA THR A 93 10.27 3.69 -0.42
C THR A 93 11.46 3.74 -1.37
N GLU A 94 12.66 3.94 -0.84
CA GLU A 94 13.85 3.95 -1.70
C GLU A 94 14.07 2.60 -2.31
N SER A 95 14.61 2.63 -3.53
CA SER A 95 14.89 1.45 -4.37
C SER A 95 15.56 0.27 -3.66
N HIS A 96 16.61 0.56 -2.90
CA HIS A 96 17.40 -0.52 -2.31
C HIS A 96 16.62 -1.24 -1.17
N LEU A 97 15.52 -0.63 -0.72
CA LEU A 97 14.78 -1.16 0.41
C LEU A 97 13.36 -1.55 0.09
N TYR A 98 12.91 -1.30 -1.16
CA TYR A 98 11.61 -1.75 -1.62
C TYR A 98 11.73 -3.14 -2.30
N ARG A 99 12.05 -4.16 -1.52
CA ARG A 99 12.34 -5.48 -2.07
C ARG A 99 12.42 -6.47 -0.93
N PHE A 100 12.52 -7.76 -1.24
CA PHE A 100 12.70 -8.76 -0.19
C PHE A 100 14.11 -8.63 0.39
N SER A 101 14.26 -9.01 1.66
CA SER A 101 15.57 -9.05 2.33
C SER A 101 16.06 -10.48 2.54
N PHE A 102 15.19 -11.47 2.36
CA PHE A 102 15.50 -12.82 2.84
C PHE A 102 16.67 -13.55 2.15
N ASP A 103 16.88 -13.31 0.86
CA ASP A 103 17.96 -13.92 0.05
C ASP A 103 19.17 -12.97 -0.20
N ARG A 104 20.32 -13.32 0.36
CA ARG A 104 21.54 -12.52 0.31
C ARG A 104 22.09 -12.37 -1.09
N ASP A 105 21.94 -13.41 -1.90
CA ASP A 105 22.60 -13.46 -3.21
C ASP A 105 21.83 -12.56 -4.13
N LEU A 106 20.51 -12.72 -4.09
CA LEU A 106 19.55 -11.88 -4.84
C LEU A 106 19.77 -10.41 -4.51
N LEU A 107 19.95 -10.10 -3.22
CA LEU A 107 20.24 -8.73 -2.79
C LEU A 107 21.53 -8.17 -3.44
N GLN A 108 22.53 -9.03 -3.63
CA GLN A 108 23.78 -8.65 -4.30
C GLN A 108 23.59 -8.65 -5.82
N GLU A 109 22.59 -9.36 -6.31
CA GLU A 109 22.35 -9.49 -7.76
C GLU A 109 21.51 -8.35 -8.45
N SER A 110 20.48 -7.83 -7.77
CA SER A 110 19.52 -6.92 -8.42
C SER A 110 20.12 -5.54 -8.65
N THR A 111 19.72 -4.89 -9.73
CA THR A 111 20.16 -3.52 -9.96
C THR A 111 18.99 -2.57 -10.07
N TRP A 112 19.28 -1.28 -10.18
CA TRP A 112 18.22 -0.27 -10.42
C TRP A 112 18.85 1.01 -10.92
N LYS A 113 18.05 1.91 -11.47
CA LYS A 113 18.58 3.12 -12.15
C LYS A 113 18.57 4.36 -11.26
N THR A 114 17.48 4.53 -10.53
CA THR A 114 17.26 5.72 -9.72
C THR A 114 17.13 5.34 -8.21
N THR A 115 17.20 6.33 -7.33
CA THR A 115 17.09 6.13 -5.89
C THR A 115 15.70 5.58 -5.50
N TYR A 116 14.73 5.86 -6.36
CA TYR A 116 13.38 5.34 -6.21
C TYR A 116 13.01 4.48 -7.42
N ILE A 117 12.05 3.58 -7.28
CA ILE A 117 11.90 2.52 -8.28
C ILE A 117 10.53 2.57 -8.97
N THR A 118 10.54 2.49 -10.31
CA THR A 118 9.33 2.63 -11.11
C THR A 118 8.60 1.32 -11.19
N GLN A 119 7.32 1.40 -11.52
CA GLN A 119 6.51 0.25 -11.80
C GLN A 119 7.15 -0.84 -12.70
N PRO A 120 7.77 -0.44 -13.85
CA PRO A 120 8.39 -1.49 -14.71
C PRO A 120 9.59 -2.17 -14.07
N GLU A 121 10.40 -1.40 -13.33
CA GLU A 121 11.52 -2.02 -12.61
C GLU A 121 11.06 -2.96 -11.53
N ILE A 122 10.08 -2.52 -10.74
CA ILE A 122 9.53 -3.36 -9.66
C ILE A 122 8.83 -4.61 -10.20
N LEU A 123 8.07 -4.44 -11.28
CA LEU A 123 7.38 -5.60 -11.80
C LEU A 123 8.38 -6.64 -12.32
N GLU A 124 9.40 -6.19 -13.04
CA GLU A 124 10.38 -7.12 -13.54
C GLU A 124 11.19 -7.76 -12.38
N TYR A 125 11.42 -7.01 -11.31
CA TYR A 125 11.97 -7.59 -10.07
C TYR A 125 11.10 -8.74 -9.57
N LEU A 126 9.79 -8.50 -9.44
CA LEU A 126 8.94 -9.52 -8.86
C LEU A 126 8.82 -10.73 -9.79
N GLU A 127 8.82 -10.48 -11.12
CA GLU A 127 8.94 -11.56 -12.10
C GLU A 127 10.25 -12.32 -11.90
N ASP A 128 11.34 -11.61 -11.59
CA ASP A 128 12.62 -12.31 -11.41
C ASP A 128 12.56 -13.14 -10.14
N VAL A 129 11.85 -12.66 -9.12
CA VAL A 129 11.75 -13.44 -7.89
C VAL A 129 11.00 -14.75 -8.19
N VAL A 130 9.85 -14.63 -8.87
CA VAL A 130 9.11 -15.81 -9.28
C VAL A 130 9.98 -16.78 -10.12
N ASP A 131 10.84 -16.27 -10.98
CA ASP A 131 11.65 -17.16 -11.81
C ASP A 131 12.80 -17.76 -11.00
N ARG A 132 13.44 -16.92 -10.20
CA ARG A 132 14.53 -17.31 -9.34
C ARG A 132 14.23 -18.57 -8.54
N PHE A 133 13.04 -18.64 -7.93
CA PHE A 133 12.68 -19.73 -7.02
C PHE A 133 11.66 -20.70 -7.62
N ASP A 134 11.44 -20.62 -8.93
CA ASP A 134 10.47 -21.49 -9.63
C ASP A 134 9.05 -21.53 -9.12
N LEU A 135 8.44 -20.39 -8.84
CA LEU A 135 7.14 -20.39 -8.19
C LEU A 135 6.00 -20.39 -9.21
N ARG A 136 6.37 -20.06 -10.44
CA ARG A 136 5.45 -20.02 -11.60
C ARG A 136 4.54 -21.23 -11.70
N ARG A 137 5.11 -22.42 -11.62
CA ARG A 137 4.31 -23.68 -11.59
C ARG A 137 3.53 -23.94 -10.27
N HIS A 138 3.50 -23.02 -9.33
CA HIS A 138 2.59 -23.24 -8.23
C HIS A 138 1.41 -22.33 -8.36
N PHE A 139 1.53 -21.36 -9.27
CA PHE A 139 0.50 -20.37 -9.53
C PHE A 139 -0.41 -20.70 -10.73
N LYS A 140 -1.71 -20.50 -10.48
CA LYS A 140 -2.72 -20.38 -11.51
C LYS A 140 -3.02 -18.91 -11.74
N PHE A 141 -2.53 -18.38 -12.84
CA PHE A 141 -2.80 -17.00 -13.20
C PHE A 141 -4.11 -16.89 -13.94
N GLY A 142 -4.53 -15.66 -14.22
CA GLY A 142 -5.87 -15.37 -14.77
C GLY A 142 -6.98 -16.24 -14.18
N THR A 143 -6.84 -16.53 -12.87
CA THR A 143 -7.69 -17.46 -12.13
C THR A 143 -8.18 -16.81 -10.82
N GLU A 144 -9.48 -16.47 -10.75
CA GLU A 144 -10.02 -15.83 -9.54
C GLU A 144 -10.61 -16.81 -8.56
N VAL A 145 -10.23 -16.66 -7.28
CA VAL A 145 -10.85 -17.43 -6.20
C VAL A 145 -12.14 -16.77 -5.81
N THR A 146 -13.20 -17.57 -5.68
CA THR A 146 -14.56 -17.06 -5.54
C THR A 146 -15.26 -17.53 -4.27
N SER A 147 -14.76 -18.61 -3.68
CA SER A 147 -15.34 -19.09 -2.45
C SER A 147 -14.25 -19.77 -1.63
N ALA A 148 -14.30 -19.56 -0.32
CA ALA A 148 -13.50 -20.32 0.60
C ALA A 148 -14.40 -20.60 1.77
N LEU A 149 -14.64 -21.89 2.02
CA LEU A 149 -15.59 -22.35 3.00
C LEU A 149 -14.90 -23.36 3.91
N TYR A 150 -15.04 -23.15 5.21
CA TYR A 150 -14.47 -24.08 6.16
C TYR A 150 -15.40 -25.29 6.30
N LEU A 151 -14.80 -26.46 6.46
CA LEU A 151 -15.58 -27.67 6.67
C LEU A 151 -15.35 -28.13 8.10
N ASP A 152 -16.31 -27.82 8.97
CA ASP A 152 -16.13 -28.03 10.40
C ASP A 152 -15.79 -29.47 10.73
N ASP A 153 -16.43 -30.45 10.07
CA ASP A 153 -16.26 -31.82 10.49
C ASP A 153 -15.01 -32.53 9.97
N GLU A 154 -14.29 -31.85 9.06
CA GLU A 154 -13.16 -32.45 8.38
C GLU A 154 -11.91 -31.62 8.65
N ASN A 155 -12.13 -30.43 9.22
CA ASN A 155 -11.07 -29.45 9.44
C ASN A 155 -10.35 -28.99 8.14
N LEU A 156 -11.10 -28.73 7.08
CA LEU A 156 -10.48 -28.26 5.85
C LEU A 156 -11.20 -27.05 5.24
N TRP A 157 -10.50 -26.37 4.36
CA TRP A 157 -11.04 -25.26 3.61
C TRP A 157 -11.36 -25.76 2.20
N GLU A 158 -12.55 -25.41 1.73
CA GLU A 158 -13.02 -25.84 0.42
C GLU A 158 -13.05 -24.60 -0.40
N VAL A 159 -12.08 -24.51 -1.30
CA VAL A 159 -11.83 -23.29 -2.08
C VAL A 159 -12.04 -23.53 -3.57
N THR A 160 -12.78 -22.63 -4.22
CA THR A 160 -13.10 -22.79 -5.64
C THR A 160 -12.78 -21.56 -6.52
N THR A 161 -12.40 -21.87 -7.76
CA THR A 161 -12.06 -20.83 -8.76
C THR A 161 -13.22 -20.50 -9.70
N ASP A 162 -12.95 -19.55 -10.58
CA ASP A 162 -13.95 -19.09 -11.52
C ASP A 162 -13.95 -19.93 -12.80
N HIS A 163 -13.09 -20.96 -12.86
CA HIS A 163 -13.13 -22.02 -13.88
C HIS A 163 -13.60 -23.33 -13.22
N GLY A 164 -14.37 -23.20 -12.12
CA GLY A 164 -15.00 -24.32 -11.42
C GLY A 164 -14.14 -25.46 -10.89
N GLU A 165 -12.83 -25.22 -10.70
CA GLU A 165 -11.95 -26.14 -9.96
C GLU A 165 -12.12 -25.93 -8.46
N VAL A 166 -11.99 -27.01 -7.69
CA VAL A 166 -12.18 -27.00 -6.25
C VAL A 166 -10.94 -27.55 -5.52
N TYR A 167 -10.46 -26.78 -4.54
CA TYR A 167 -9.28 -27.21 -3.79
C TYR A 167 -9.65 -27.41 -2.33
N ARG A 168 -9.24 -28.57 -1.83
CA ARG A 168 -9.41 -28.96 -0.46
C ARG A 168 -8.04 -28.77 0.20
N ALA A 169 -7.99 -27.84 1.17
CA ALA A 169 -6.74 -27.37 1.77
C ALA A 169 -6.78 -27.38 3.28
N LYS A 170 -5.65 -27.75 3.89
CA LYS A 170 -5.47 -27.60 5.36
C LYS A 170 -5.29 -26.14 5.78
N TYR A 171 -4.63 -25.32 4.96
CA TYR A 171 -4.39 -23.93 5.37
C TYR A 171 -4.72 -22.93 4.26
N VAL A 172 -5.23 -21.76 4.62
CA VAL A 172 -5.38 -20.70 3.64
C VAL A 172 -4.56 -19.47 4.03
N VAL A 173 -3.73 -19.00 3.07
CA VAL A 173 -3.04 -17.73 3.22
C VAL A 173 -3.58 -16.70 2.23
N ASN A 174 -4.20 -15.67 2.79
CA ASN A 174 -4.82 -14.62 2.01
C ASN A 174 -3.88 -13.42 1.96
N ALA A 175 -3.19 -13.28 0.83
CA ALA A 175 -2.37 -12.10 0.60
C ALA A 175 -3.05 -11.36 -0.54
N VAL A 176 -4.31 -10.99 -0.33
CA VAL A 176 -5.15 -10.40 -1.41
C VAL A 176 -5.05 -8.87 -1.63
N GLY A 177 -4.32 -8.14 -0.78
CA GLY A 177 -4.15 -6.70 -0.99
C GLY A 177 -5.42 -5.85 -1.04
N LEU A 178 -5.44 -4.84 -1.92
CA LEU A 178 -6.51 -3.78 -2.08
C LEU A 178 -6.26 -2.91 -3.34
N ASN A 183 -13.36 2.62 -7.63
CA ASN A 183 -14.20 3.75 -7.22
C ASN A 183 -14.46 4.74 -8.36
N PHE A 184 -15.67 4.68 -8.93
CA PHE A 184 -16.16 5.68 -9.90
C PHE A 184 -17.16 6.69 -9.31
N PRO A 185 -16.68 7.87 -8.92
CA PRO A 185 -17.55 9.02 -8.68
C PRO A 185 -18.81 9.03 -9.56
N ASN A 186 -19.94 8.87 -8.88
CA ASN A 186 -21.22 9.00 -9.51
C ASN A 186 -21.20 10.40 -10.13
N LEU A 187 -20.86 10.50 -11.41
CA LEU A 187 -20.98 11.79 -12.08
C LEU A 187 -22.08 11.81 -13.14
N PRO A 188 -23.07 12.69 -12.95
CA PRO A 188 -24.24 12.73 -13.83
C PRO A 188 -23.85 12.92 -15.31
N GLY A 189 -24.45 12.15 -16.21
CA GLY A 189 -24.05 12.17 -17.61
C GLY A 189 -22.67 11.58 -17.91
N LEU A 190 -22.05 10.91 -16.94
CA LEU A 190 -20.70 10.32 -17.14
C LEU A 190 -20.51 9.59 -18.46
N ASP A 191 -21.45 8.73 -18.83
CA ASP A 191 -21.27 7.88 -20.03
C ASP A 191 -21.79 8.51 -21.34
N THR A 192 -22.22 9.74 -21.18
CA THR A 192 -22.40 10.69 -22.26
C THR A 192 -21.04 11.02 -22.93
N PHE A 193 -19.96 11.01 -22.15
CA PHE A 193 -18.62 11.36 -22.63
C PHE A 193 -18.14 10.56 -23.85
N GLU A 194 -17.71 11.28 -24.90
CA GLU A 194 -17.26 10.65 -26.18
C GLU A 194 -15.82 10.25 -26.26
N GLY A 195 -15.04 10.67 -25.26
CA GLY A 195 -13.62 10.35 -25.20
C GLY A 195 -13.39 9.12 -24.34
N GLU A 196 -12.17 8.96 -23.84
CA GLU A 196 -11.86 7.75 -23.09
C GLU A 196 -11.97 8.05 -21.61
N THR A 197 -12.38 7.05 -20.87
CA THR A 197 -12.50 7.21 -19.44
C THR A 197 -11.55 6.17 -18.93
N ILE A 198 -10.66 6.58 -18.02
CA ILE A 198 -9.60 5.70 -17.54
C ILE A 198 -9.48 5.86 -16.05
N HIS A 199 -9.46 4.74 -15.34
CA HIS A 199 -9.12 4.74 -13.93
C HIS A 199 -7.65 4.37 -13.87
N THR A 200 -7.01 4.90 -12.85
CA THR A 200 -5.62 4.78 -12.58
C THR A 200 -5.14 3.30 -12.45
N ALA A 201 -6.07 2.49 -11.97
CA ALA A 201 -5.84 1.11 -11.58
C ALA A 201 -6.15 0.15 -12.71
N ALA A 202 -6.58 0.65 -13.86
CA ALA A 202 -6.83 -0.18 -15.02
C ALA A 202 -6.39 0.58 -16.23
N TRP A 203 -5.17 1.11 -16.15
CA TRP A 203 -4.59 1.89 -17.23
C TRP A 203 -4.34 0.93 -18.40
N PRO A 204 -5.01 1.16 -19.56
CA PRO A 204 -4.87 0.27 -20.73
C PRO A 204 -3.42 0.21 -21.16
N GLU A 205 -2.95 -0.99 -21.45
CA GLU A 205 -1.52 -1.21 -21.70
C GLU A 205 -0.99 -0.31 -22.83
N GLY A 206 0.13 0.35 -22.52
CA GLY A 206 0.76 1.30 -23.44
C GLY A 206 -0.07 2.49 -23.92
N LYS A 207 -1.20 2.79 -23.26
CA LYS A 207 -1.95 3.97 -23.69
C LYS A 207 -1.16 5.21 -23.29
N SER A 208 -0.92 6.07 -24.28
CA SER A 208 -0.37 7.39 -24.05
C SER A 208 -1.43 8.45 -24.21
N LEU A 209 -1.32 9.50 -23.41
CA LEU A 209 -2.24 10.63 -23.53
C LEU A 209 -1.55 11.81 -24.22
N ALA A 210 -0.38 11.57 -24.76
CA ALA A 210 0.39 12.64 -25.39
C ALA A 210 -0.45 13.37 -26.44
N GLY A 211 -0.43 14.70 -26.38
CA GLY A 211 -1.17 15.51 -27.33
C GLY A 211 -2.68 15.55 -27.18
N ARG A 212 -3.24 14.96 -26.11
CA ARG A 212 -4.69 14.95 -25.85
C ARG A 212 -5.06 16.01 -24.80
N ARG A 213 -6.35 16.35 -24.75
CA ARG A 213 -6.89 17.14 -23.62
C ARG A 213 -7.39 16.24 -22.53
N VAL A 214 -6.74 16.35 -21.38
CA VAL A 214 -6.97 15.45 -20.25
C VAL A 214 -7.58 16.12 -19.02
N GLY A 215 -8.55 15.47 -18.41
CA GLY A 215 -8.93 15.88 -17.09
C GLY A 215 -8.50 14.84 -16.12
N VAL A 216 -7.99 15.27 -14.97
CA VAL A 216 -7.64 14.36 -13.90
C VAL A 216 -8.49 14.69 -12.66
N ILE A 217 -9.19 13.69 -12.15
CA ILE A 217 -9.93 13.85 -10.93
C ILE A 217 -9.23 13.03 -9.84
N GLY A 218 -8.79 13.69 -8.77
CA GLY A 218 -8.18 12.99 -7.65
C GLY A 218 -6.77 13.47 -7.48
N THR A 219 -6.36 13.81 -6.25
CA THR A 219 -5.03 14.37 -6.04
C THR A 219 -4.38 13.67 -4.85
N GLY A 220 -4.61 12.36 -4.81
CA GLY A 220 -3.90 11.47 -3.90
C GLY A 220 -2.53 11.17 -4.47
N SER A 221 -1.99 10.02 -4.07
CA SER A 221 -0.59 9.70 -4.38
C SER A 221 -0.54 9.37 -5.83
N THR A 222 -1.58 8.68 -6.28
CA THR A 222 -1.66 8.32 -7.64
C THR A 222 -1.95 9.58 -8.50
N GLY A 223 -2.93 10.39 -8.09
CA GLY A 223 -3.22 11.68 -8.76
C GLY A 223 -1.99 12.55 -9.01
N GLN A 224 -1.20 12.78 -7.97
CA GLN A 224 -0.04 13.66 -8.10
C GLN A 224 1.00 13.12 -9.05
N GLN A 225 1.22 11.80 -9.03
CA GLN A 225 2.18 11.18 -9.92
C GLN A 225 1.68 11.33 -11.36
N VAL A 226 0.42 10.99 -11.58
CA VAL A 226 -0.13 10.97 -12.90
C VAL A 226 -0.14 12.37 -13.47
N ILE A 227 -0.37 13.37 -12.62
CA ILE A 227 -0.42 14.75 -13.01
C ILE A 227 0.96 15.27 -13.38
N THR A 228 1.96 14.98 -12.54
CA THR A 228 3.34 15.37 -12.84
C THR A 228 3.83 14.73 -14.12
N SER A 229 3.44 13.48 -14.35
CA SER A 229 3.89 12.79 -15.53
C SER A 229 3.18 13.26 -16.82
N LEU A 230 1.89 13.59 -16.73
CA LEU A 230 1.09 14.08 -17.87
C LEU A 230 1.36 15.50 -18.33
N ALA A 231 1.62 16.38 -17.38
CA ALA A 231 1.75 17.80 -17.65
C ALA A 231 2.64 18.17 -18.85
N PRO A 232 3.83 17.56 -18.95
CA PRO A 232 4.73 17.84 -20.09
C PRO A 232 4.24 17.34 -21.48
N GLU A 233 3.45 16.28 -21.49
CA GLU A 233 3.07 15.70 -22.78
C GLU A 233 1.69 16.05 -23.35
N VAL A 234 0.74 16.34 -22.49
CA VAL A 234 -0.62 16.54 -22.95
C VAL A 234 -0.74 17.92 -23.55
N GLU A 235 -1.68 18.09 -24.48
CA GLU A 235 -1.99 19.41 -25.02
C GLU A 235 -2.54 20.31 -23.95
N HIS A 236 -3.38 19.78 -23.06
CA HIS A 236 -3.91 20.59 -21.99
C HIS A 236 -4.32 19.71 -20.85
N LEU A 237 -4.19 20.21 -19.63
CA LEU A 237 -4.55 19.41 -18.46
C LEU A 237 -5.35 20.20 -17.44
N THR A 238 -6.47 19.63 -17.03
CA THR A 238 -7.33 20.21 -16.01
C THR A 238 -7.41 19.25 -14.85
N VAL A 239 -7.08 19.73 -13.66
CA VAL A 239 -7.08 18.90 -12.46
C VAL A 239 -8.27 19.33 -11.61
N PHE A 240 -9.11 18.38 -11.22
CA PHE A 240 -10.23 18.70 -10.37
C PHE A 240 -9.86 18.27 -8.97
N VAL A 241 -9.43 19.23 -8.15
CA VAL A 241 -8.96 18.93 -6.79
C VAL A 241 -10.06 19.14 -5.74
N ARG A 242 -10.32 18.11 -4.94
CA ARG A 242 -11.22 18.23 -3.82
C ARG A 242 -10.40 18.64 -2.58
N THR A 243 -9.45 17.80 -2.16
CA THR A 243 -8.59 18.14 -1.02
C THR A 243 -7.15 18.31 -1.46
N PRO A 244 -6.62 19.54 -1.51
CA PRO A 244 -5.20 19.58 -1.86
C PRO A 244 -4.36 19.03 -0.72
N GLN A 245 -3.27 18.32 -1.04
CA GLN A 245 -2.46 17.68 0.01
C GLN A 245 -1.05 18.27 0.23
N TYR A 246 -0.48 17.91 1.38
CA TYR A 246 0.90 18.20 1.73
C TYR A 246 1.79 17.23 0.98
N SER A 247 2.90 17.72 0.45
CA SER A 247 3.75 16.87 -0.36
C SER A 247 5.15 17.40 -0.36
N VAL A 248 6.12 16.49 -0.20
CA VAL A 248 7.54 16.88 -0.26
C VAL A 248 8.26 16.24 -1.48
N PRO A 249 9.38 16.85 -1.95
CA PRO A 249 10.23 16.27 -2.99
C PRO A 249 10.58 14.82 -2.64
N VAL A 250 10.45 13.91 -3.61
CA VAL A 250 10.90 12.54 -3.44
C VAL A 250 12.44 12.47 -3.58
N GLY A 251 13.02 13.39 -4.35
CA GLY A 251 14.46 13.32 -4.63
C GLY A 251 14.91 12.07 -5.39
N ASN A 252 14.12 11.66 -6.39
CA ASN A 252 14.45 10.53 -7.26
C ASN A 252 15.61 10.77 -8.21
N ARG A 253 16.81 10.31 -7.86
CA ARG A 253 18.04 10.67 -8.60
C ARG A 253 18.68 9.47 -9.24
N PRO A 254 19.22 9.64 -10.48
CA PRO A 254 20.08 8.59 -11.10
C PRO A 254 21.12 8.09 -10.08
N VAL A 255 21.35 6.78 -10.03
CA VAL A 255 22.29 6.24 -9.02
C VAL A 255 23.73 6.07 -9.53
N ASN A 256 24.65 6.61 -8.72
CA ASN A 256 26.08 6.80 -9.04
C ASN A 256 26.82 5.52 -9.50
N PRO A 257 27.56 5.59 -10.64
CA PRO A 257 27.98 4.42 -11.44
C PRO A 257 27.76 3.10 -10.72
N GLU A 258 28.59 2.84 -9.69
CA GLU A 258 28.18 2.01 -8.52
C GLU A 258 28.59 2.60 -7.15
N GLN A 259 27.67 3.35 -6.56
CA GLN A 259 27.51 3.47 -5.09
C GLN A 259 26.21 2.71 -4.72
N ILE A 260 25.62 2.08 -5.75
CA ILE A 260 24.87 0.83 -5.58
C ILE A 260 25.80 -0.18 -4.90
N ALA A 261 27.10 -0.14 -5.25
CA ALA A 261 28.10 -1.06 -4.68
C ALA A 261 28.24 -0.85 -3.18
N GLU A 262 28.16 0.41 -2.78
CA GLU A 262 28.41 0.79 -1.41
C GLU A 262 27.22 0.38 -0.53
N ILE A 263 26.01 0.54 -1.06
CA ILE A 263 24.89 -0.04 -0.36
C ILE A 263 24.92 -1.60 -0.35
N LYS A 264 25.22 -2.22 -1.49
CA LYS A 264 25.39 -3.68 -1.55
C LYS A 264 26.43 -4.22 -0.57
N ALA A 265 27.54 -3.52 -0.40
CA ALA A 265 28.55 -3.94 0.59
C ALA A 265 28.05 -3.77 2.04
N ASP A 266 27.05 -2.92 2.24
CA ASP A 266 26.58 -2.69 3.60
C ASP A 266 25.15 -3.19 3.88
N TYR A 267 24.72 -4.19 3.12
CA TYR A 267 23.31 -4.67 3.13
C TYR A 267 22.83 -5.35 4.42
N ASP A 268 23.68 -6.16 5.06
CA ASP A 268 23.29 -6.79 6.33
C ASP A 268 22.96 -5.70 7.39
N ARG A 269 23.80 -4.68 7.51
CA ARG A 269 23.52 -3.55 8.40
C ARG A 269 22.25 -2.77 8.02
N ILE A 270 22.15 -2.40 6.76
CA ILE A 270 20.96 -1.77 6.22
C ILE A 270 19.68 -2.47 6.66
N TRP A 271 19.55 -3.78 6.39
CA TRP A 271 18.38 -4.56 6.77
C TRP A 271 18.16 -4.81 8.27
N GLU A 272 19.23 -5.06 9.01
CA GLU A 272 19.17 -5.16 10.46
C GLU A 272 18.60 -3.87 11.10
N ARG A 273 19.15 -2.72 10.69
CA ARG A 273 18.64 -1.41 11.13
C ARG A 273 17.18 -1.16 10.80
N ALA A 274 16.80 -1.49 9.57
CA ALA A 274 15.44 -1.25 9.10
C ALA A 274 14.49 -2.11 9.91
N LYS A 275 14.87 -3.38 10.10
CA LYS A 275 14.10 -4.31 10.94
C LYS A 275 14.01 -3.85 12.40
N ASN A 276 14.96 -3.02 12.83
CA ASN A 276 15.01 -2.56 14.19
C ASN A 276 14.54 -1.11 14.38
N SER A 277 13.77 -0.61 13.42
CA SER A 277 13.24 0.75 13.41
C SER A 277 11.70 0.74 13.39
N ALA A 278 11.10 1.93 13.43
CA ALA A 278 9.64 2.00 13.41
C ALA A 278 9.05 1.81 12.01
N VAL A 279 9.59 2.48 10.99
CA VAL A 279 8.95 2.49 9.67
C VAL A 279 9.82 1.87 8.55
N ALA A 280 11.08 1.54 8.87
CA ALA A 280 12.01 0.82 7.99
C ALA A 280 12.13 1.45 6.61
N PHE A 281 12.26 2.77 6.62
CA PHE A 281 12.48 3.55 5.43
C PHE A 281 13.94 3.92 5.22
N GLY A 282 14.83 3.39 6.06
CA GLY A 282 16.29 3.54 5.85
C GLY A 282 16.96 4.76 6.46
N PHE A 283 16.29 5.48 7.35
CA PHE A 283 16.92 6.56 8.12
C PHE A 283 16.63 6.37 9.61
N GLU A 284 17.50 6.93 10.45
CA GLU A 284 17.26 7.08 11.89
C GLU A 284 16.01 7.93 12.09
N GLU A 285 15.03 7.36 12.77
CA GLU A 285 13.80 8.02 13.17
C GLU A 285 14.12 8.91 14.37
N SER A 286 13.96 10.22 14.21
CA SER A 286 14.38 11.18 15.19
C SER A 286 13.59 11.05 16.50
N THR A 287 14.18 11.57 17.58
CA THR A 287 13.54 11.64 18.90
C THR A 287 13.48 13.10 19.31
N LEU A 288 14.12 13.94 18.51
CA LEU A 288 14.23 15.38 18.73
C LEU A 288 12.88 16.15 18.63
N PRO A 289 12.36 16.67 19.78
CA PRO A 289 11.11 17.44 19.76
C PRO A 289 11.26 18.71 18.93
N ALA A 290 10.35 18.93 17.98
CA ALA A 290 10.44 20.09 17.07
C ALA A 290 10.52 21.47 17.75
N MET A 291 9.81 21.62 18.86
CA MET A 291 9.66 22.93 19.46
C MET A 291 10.73 23.21 20.48
N SER A 292 11.70 22.32 20.57
CA SER A 292 12.75 22.46 21.56
C SER A 292 14.05 22.93 20.91
N VAL A 293 13.96 23.36 19.67
CA VAL A 293 15.09 24.05 19.06
C VAL A 293 14.65 25.43 18.54
N SER A 294 15.60 26.26 18.13
CA SER A 294 15.27 27.63 17.67
C SER A 294 14.50 27.58 16.35
N GLU A 295 13.84 28.69 16.03
CA GLU A 295 13.15 28.87 14.75
C GLU A 295 14.05 28.59 13.55
N GLU A 296 15.32 28.91 13.69
CA GLU A 296 16.24 28.81 12.57
C GLU A 296 16.87 27.41 12.43
N GLU A 297 17.02 26.72 13.55
CA GLU A 297 17.43 25.34 13.49
C GLU A 297 16.32 24.46 12.89
N ARG A 298 15.08 24.73 13.29
CA ARG A 298 13.88 24.02 12.80
C ARG A 298 13.75 24.12 11.28
N ASN A 299 13.88 25.36 10.79
CA ASN A 299 13.83 25.70 9.38
C ASN A 299 14.98 25.04 8.67
N ARG A 300 16.18 25.16 9.23
CA ARG A 300 17.33 24.44 8.70
C ARG A 300 17.08 22.92 8.59
N ILE A 301 16.59 22.29 9.66
CA ILE A 301 16.42 20.84 9.66
C ILE A 301 15.38 20.45 8.62
N PHE A 302 14.28 21.19 8.58
CA PHE A 302 13.24 21.01 7.56
C PHE A 302 13.81 21.14 6.13
N GLN A 303 14.54 22.22 5.91
CA GLN A 303 15.14 22.50 4.63
C GLN A 303 16.07 21.35 4.18
N GLU A 304 16.97 20.86 5.04
CA GLU A 304 17.81 19.72 4.67
C GLU A 304 17.02 18.44 4.32
N ALA A 305 15.90 18.19 4.98
CA ALA A 305 15.09 17.03 4.59
C ALA A 305 14.39 17.29 3.26
N TRP A 306 13.78 18.45 3.12
CA TRP A 306 13.21 18.93 1.86
C TRP A 306 14.13 18.66 0.66
N ASP A 307 15.37 19.11 0.77
CA ASP A 307 16.39 19.02 -0.30
C ASP A 307 16.88 17.60 -0.49
N HIS A 308 16.93 16.79 0.58
CA HIS A 308 17.37 15.39 0.41
C HIS A 308 16.21 14.66 -0.24
N GLY A 309 14.99 15.06 0.14
CA GLY A 309 13.75 14.45 -0.34
C GLY A 309 13.34 13.20 0.40
N GLY A 310 12.11 12.76 0.19
CA GLY A 310 11.55 11.58 0.86
C GLY A 310 10.46 11.96 1.83
N GLY A 311 9.30 11.32 1.69
CA GLY A 311 8.14 11.67 2.49
C GLY A 311 8.21 11.29 3.95
N PHE A 312 8.46 10.02 4.26
CA PHE A 312 8.63 9.61 5.67
C PHE A 312 9.79 10.31 6.39
N ARG A 313 10.80 10.70 5.63
CA ARG A 313 12.01 11.32 6.15
C ARG A 313 11.61 12.67 6.67
N PHE A 314 10.76 13.35 5.91
CA PHE A 314 10.30 14.66 6.34
C PHE A 314 9.46 14.59 7.64
N MET A 315 8.54 13.62 7.72
CA MET A 315 7.63 13.48 8.83
C MET A 315 8.27 12.89 10.11
N PHE A 316 9.27 12.02 9.92
CA PHE A 316 9.86 11.23 11.00
C PHE A 316 11.40 11.29 11.10
N GLY A 317 12.05 11.87 10.11
CA GLY A 317 13.55 11.97 10.12
C GLY A 317 14.11 13.27 10.64
N THR A 318 13.25 14.30 10.68
CA THR A 318 13.58 15.66 11.15
C THR A 318 13.36 15.79 12.66
N PHE A 319 12.14 15.46 13.08
CA PHE A 319 11.81 15.52 14.47
C PHE A 319 11.06 14.25 14.90
N GLY A 320 10.92 14.06 16.21
CA GLY A 320 10.21 12.90 16.70
C GLY A 320 8.76 13.08 17.12
N ASP A 321 8.19 14.24 16.89
CA ASP A 321 6.83 14.49 17.40
C ASP A 321 5.88 15.16 16.41
N ILE A 322 6.24 15.19 15.14
CA ILE A 322 5.35 15.76 14.12
C ILE A 322 3.99 15.05 14.14
N ALA A 323 4.01 13.78 14.51
CA ALA A 323 2.80 12.97 14.47
C ALA A 323 2.00 12.92 15.77
N THR A 324 2.53 13.49 16.85
CA THR A 324 1.99 13.33 18.19
C THR A 324 1.87 14.64 18.94
N ASP A 325 2.46 15.71 18.42
CA ASP A 325 2.39 17.03 19.06
C ASP A 325 1.92 18.10 18.08
N GLU A 326 0.91 18.85 18.50
CA GLU A 326 0.20 19.82 17.66
C GLU A 326 1.08 20.92 17.12
N ALA A 327 1.82 21.58 18.02
CA ALA A 327 2.69 22.66 17.58
C ALA A 327 3.77 22.13 16.61
N ALA A 328 4.35 20.98 16.92
CA ALA A 328 5.35 20.37 16.01
C ALA A 328 4.76 20.08 14.63
N ASN A 329 3.55 19.53 14.62
CA ASN A 329 2.81 19.25 13.40
C ASN A 329 2.55 20.48 12.58
N GLU A 330 2.07 21.52 13.26
CA GLU A 330 1.82 22.81 12.66
C GLU A 330 3.11 23.35 12.03
N ALA A 331 4.19 23.34 12.81
CA ALA A 331 5.50 23.78 12.29
C ALA A 331 5.94 23.06 10.97
N ALA A 332 5.73 21.74 10.90
CA ALA A 332 6.04 21.02 9.64
C ALA A 332 5.04 21.40 8.53
N ALA A 333 3.81 21.64 8.93
CA ALA A 333 2.70 22.05 8.07
C ALA A 333 2.94 23.39 7.37
N SER A 334 3.32 24.39 8.16
CA SER A 334 3.68 25.73 7.69
C SER A 334 4.86 25.73 6.78
N PHE A 335 5.83 24.85 7.06
CA PHE A 335 7.01 24.81 6.20
C PHE A 335 6.58 24.48 4.76
N ILE A 336 5.90 23.36 4.59
CA ILE A 336 5.38 22.90 3.26
C ILE A 336 4.51 23.98 2.56
N ARG A 337 3.59 24.59 3.31
CA ARG A 337 2.73 25.68 2.76
C ARG A 337 3.54 26.88 2.22
N ALA A 338 4.57 27.27 2.95
CA ALA A 338 5.51 28.30 2.47
C ALA A 338 6.11 27.82 1.18
N LYS A 339 6.48 26.54 1.11
CA LYS A 339 7.04 26.00 -0.12
C LYS A 339 6.06 26.17 -1.27
N VAL A 340 4.83 25.67 -1.07
CA VAL A 340 3.74 25.86 -2.03
C VAL A 340 3.55 27.32 -2.44
N ALA A 341 3.49 28.25 -1.48
CA ALA A 341 3.37 29.69 -1.77
C ALA A 341 4.53 30.24 -2.57
N GLU A 342 5.70 29.68 -2.37
CA GLU A 342 6.90 30.14 -3.06
C GLU A 342 6.91 29.55 -4.48
N ILE A 343 6.51 28.28 -4.60
CA ILE A 343 6.67 27.61 -5.87
C ILE A 343 5.63 28.07 -6.88
N ILE A 344 4.37 28.11 -6.48
CA ILE A 344 3.27 28.46 -7.41
C ILE A 344 3.18 29.98 -7.53
N GLU A 345 3.46 30.46 -8.74
CA GLU A 345 3.57 31.88 -9.03
C GLU A 345 2.22 32.63 -8.97
N ASP A 346 1.20 32.16 -9.67
CA ASP A 346 -0.13 32.77 -9.60
C ASP A 346 -0.84 32.59 -8.25
N PRO A 347 -1.13 33.69 -7.57
CA PRO A 347 -1.74 33.74 -6.24
C PRO A 347 -3.01 32.93 -6.17
N GLU A 348 -3.89 33.09 -7.14
CA GLU A 348 -5.13 32.33 -7.12
C GLU A 348 -4.93 30.79 -7.28
N THR A 349 -4.05 30.39 -8.20
CA THR A 349 -3.68 28.97 -8.34
C THR A 349 -3.06 28.40 -7.05
N ALA A 350 -2.14 29.18 -6.44
CA ALA A 350 -1.48 28.77 -5.18
C ALA A 350 -2.48 28.46 -4.10
N ARG A 351 -3.55 29.26 -4.08
CA ARG A 351 -4.55 29.25 -3.04
C ARG A 351 -5.33 27.97 -3.12
N LYS A 352 -5.76 27.63 -4.35
CA LYS A 352 -6.49 26.39 -4.64
C LYS A 352 -5.69 25.14 -4.34
N LEU A 353 -4.38 25.25 -4.45
CA LEU A 353 -3.52 24.13 -4.15
C LEU A 353 -2.97 24.10 -2.72
N MET A 354 -3.26 25.14 -1.92
CA MET A 354 -2.73 25.22 -0.55
C MET A 354 -3.32 24.14 0.38
N PRO A 355 -2.45 23.21 0.85
CA PRO A 355 -2.88 22.20 1.83
C PRO A 355 -3.20 22.84 3.17
N LYS A 356 -4.22 22.35 3.87
CA LYS A 356 -4.68 22.92 5.14
C LYS A 356 -4.86 21.87 6.23
N GLY A 357 -4.87 22.28 7.49
CA GLY A 357 -5.07 21.35 8.58
C GLY A 357 -3.88 20.47 8.89
N LEU A 358 -4.18 19.32 9.49
CA LEU A 358 -3.15 18.45 10.07
C LEU A 358 -2.33 17.83 8.98
N PHE A 359 -1.02 17.76 9.16
CA PHE A 359 -0.12 17.11 8.23
C PHE A 359 -0.04 15.76 8.85
N ALA A 360 -1.06 14.97 8.51
CA ALA A 360 -1.35 13.75 9.25
C ALA A 360 -2.04 12.69 8.38
N LYS A 361 -1.48 12.45 7.20
CA LYS A 361 -1.93 11.36 6.32
C LYS A 361 -0.61 10.92 5.70
N ARG A 362 -0.58 9.74 5.04
CA ARG A 362 0.68 9.13 4.60
C ARG A 362 1.41 10.22 3.90
N PRO A 363 2.62 10.60 4.37
CA PRO A 363 3.24 11.78 3.78
C PRO A 363 3.44 11.53 2.29
N LEU A 364 2.97 12.45 1.46
CA LEU A 364 3.14 12.34 0.03
C LEU A 364 4.50 12.90 -0.37
N CYS A 365 5.10 12.36 -1.44
CA CYS A 365 6.29 13.00 -2.04
C CYS A 365 6.19 12.94 -3.54
N ASP A 366 6.81 13.91 -4.21
CA ASP A 366 6.52 14.13 -5.64
C ASP A 366 7.76 14.55 -6.45
N SER A 367 7.65 14.47 -7.79
CA SER A 367 8.73 14.91 -8.67
C SER A 367 8.38 16.25 -9.40
N GLY A 368 8.02 17.27 -8.64
CA GLY A 368 7.78 18.55 -9.25
C GLY A 368 6.30 18.78 -9.40
N TYR A 369 5.51 18.17 -8.53
CA TYR A 369 4.06 18.33 -8.60
C TYR A 369 3.59 19.79 -8.57
N TYR A 370 4.07 20.60 -7.63
CA TYR A 370 3.51 21.94 -7.47
C TYR A 370 3.88 22.83 -8.62
N GLU A 371 5.14 22.72 -9.07
CA GLU A 371 5.65 23.49 -10.22
C GLU A 371 4.79 23.34 -11.48
N VAL A 372 4.21 22.15 -11.68
CA VAL A 372 3.31 21.86 -12.80
C VAL A 372 2.19 22.91 -13.00
N TYR A 373 1.71 23.45 -11.87
CA TYR A 373 0.61 24.43 -11.93
C TYR A 373 1.02 25.79 -12.53
N ASN A 374 2.32 25.91 -12.87
CA ASN A 374 2.90 27.17 -13.45
C ASN A 374 2.86 27.16 -14.96
N ARG A 375 2.71 25.98 -15.53
CA ARG A 375 2.63 25.80 -16.99
C ARG A 375 1.33 26.44 -17.54
N PRO A 376 1.40 27.06 -18.73
CA PRO A 376 0.16 27.69 -19.31
C PRO A 376 -0.89 26.73 -19.82
N ASN A 377 -0.58 25.43 -19.93
CA ASN A 377 -1.59 24.44 -20.35
C ASN A 377 -2.09 23.55 -19.18
N VAL A 378 -1.83 24.01 -17.96
CA VAL A 378 -2.32 23.35 -16.74
C VAL A 378 -3.28 24.28 -15.99
N GLU A 379 -4.42 23.71 -15.59
CA GLU A 379 -5.45 24.49 -14.93
C GLU A 379 -6.03 23.69 -13.81
N ALA A 380 -6.22 24.35 -12.69
CA ALA A 380 -6.77 23.72 -11.50
C ALA A 380 -8.19 24.20 -11.28
N VAL A 381 -9.04 23.27 -10.95
CA VAL A 381 -10.39 23.61 -10.52
C VAL A 381 -10.61 23.08 -9.11
N ALA A 382 -10.91 23.98 -8.17
CA ALA A 382 -11.21 23.59 -6.80
C ALA A 382 -12.67 23.21 -6.74
N ILE A 383 -12.98 21.92 -6.70
CA ILE A 383 -14.40 21.49 -6.78
C ILE A 383 -15.25 21.68 -5.52
N LYS A 384 -14.64 21.90 -4.37
CA LYS A 384 -15.41 22.28 -3.18
C LYS A 384 -16.12 23.61 -3.45
N GLU A 385 -15.39 24.55 -4.04
CA GLU A 385 -15.97 25.86 -4.27
C GLU A 385 -16.61 26.03 -5.64
N ASN A 386 -16.17 25.21 -6.59
CA ASN A 386 -16.79 25.19 -7.88
C ASN A 386 -17.08 23.71 -8.30
N PRO A 387 -18.20 23.13 -7.80
CA PRO A 387 -18.48 21.71 -8.04
C PRO A 387 -18.67 21.29 -9.50
N ILE A 388 -18.45 20.02 -9.79
CA ILE A 388 -18.73 19.46 -11.09
C ILE A 388 -20.27 19.39 -11.23
N ARG A 389 -20.82 19.96 -12.30
CA ARG A 389 -22.27 19.89 -12.49
C ARG A 389 -22.61 18.59 -13.19
N GLU A 390 -21.99 18.37 -14.34
CA GLU A 390 -22.18 17.13 -15.09
C GLU A 390 -21.10 16.88 -16.14
N VAL A 391 -21.05 15.65 -16.64
CA VAL A 391 -20.14 15.32 -17.75
C VAL A 391 -21.02 15.35 -18.98
N THR A 392 -20.53 15.87 -20.08
CA THR A 392 -21.23 15.77 -21.37
C THR A 392 -20.33 15.21 -22.45
N ALA A 393 -20.86 15.09 -23.68
CA ALA A 393 -20.11 14.50 -24.80
C ALA A 393 -18.71 15.06 -24.90
N LYS A 394 -18.58 16.37 -24.82
CA LYS A 394 -17.28 17.05 -25.02
C LYS A 394 -16.38 17.29 -23.77
N GLY A 395 -16.92 17.08 -22.58
CA GLY A 395 -16.11 17.10 -21.37
C GLY A 395 -16.90 17.22 -20.06
N VAL A 396 -16.29 17.90 -19.08
CA VAL A 396 -16.82 18.18 -17.73
C VAL A 396 -17.33 19.62 -17.60
N VAL A 397 -18.54 19.78 -17.09
CA VAL A 397 -19.12 21.10 -16.87
C VAL A 397 -19.12 21.36 -15.37
N THR A 398 -18.58 22.50 -14.92
CA THR A 398 -18.67 22.87 -13.50
C THR A 398 -19.86 23.82 -13.20
N GLU A 399 -20.24 23.90 -11.93
CA GLU A 399 -21.35 24.74 -11.51
C GLU A 399 -21.25 26.19 -11.93
N ASP A 400 -20.05 26.70 -12.21
CA ASP A 400 -19.90 28.05 -12.75
C ASP A 400 -20.41 28.10 -14.20
N GLY A 401 -20.66 26.94 -14.77
CA GLY A 401 -21.24 26.87 -16.11
C GLY A 401 -20.21 26.90 -17.20
N VAL A 402 -18.94 26.60 -16.87
CA VAL A 402 -17.93 26.37 -17.92
C VAL A 402 -17.70 24.90 -18.27
N LEU A 403 -17.52 24.69 -19.57
CA LEU A 403 -17.23 23.41 -20.11
C LEU A 403 -15.74 23.32 -20.27
N HIS A 404 -15.15 22.37 -19.54
CA HIS A 404 -13.76 21.98 -19.69
C HIS A 404 -13.76 20.88 -20.73
N GLU A 405 -13.47 21.27 -21.97
CA GLU A 405 -13.41 20.35 -23.10
C GLU A 405 -12.28 19.36 -22.91
N LEU A 406 -12.63 18.09 -22.88
CA LEU A 406 -11.66 16.98 -22.73
C LEU A 406 -11.82 15.90 -23.80
N ASP A 407 -10.72 15.17 -24.04
CA ASP A 407 -10.63 13.94 -24.83
C ASP A 407 -10.56 12.72 -23.96
N VAL A 408 -10.09 12.90 -22.73
CA VAL A 408 -9.85 11.77 -21.85
C VAL A 408 -10.12 12.24 -20.44
N LEU A 409 -10.89 11.47 -19.70
CA LEU A 409 -11.07 11.73 -18.30
C LEU A 409 -10.41 10.65 -17.47
N VAL A 410 -9.45 11.04 -16.65
CA VAL A 410 -8.65 10.16 -15.81
C VAL A 410 -9.15 10.31 -14.39
N PHE A 411 -9.49 9.18 -13.79
CA PHE A 411 -9.89 9.14 -12.40
C PHE A 411 -8.74 8.59 -11.59
N ALA A 412 -8.14 9.43 -10.78
CA ALA A 412 -7.17 8.97 -9.83
C ALA A 412 -7.85 8.90 -8.45
N THR A 413 -9.05 8.35 -8.44
CA THR A 413 -9.95 8.48 -7.31
C THR A 413 -9.98 7.26 -6.40
N GLY A 414 -8.96 6.40 -6.46
CA GLY A 414 -8.88 5.19 -5.62
C GLY A 414 -9.87 4.07 -5.92
N PHE A 415 -9.99 3.16 -4.96
CA PHE A 415 -10.96 2.07 -5.02
C PHE A 415 -12.00 2.29 -3.90
N ASP A 416 -13.25 1.84 -4.07
CA ASP A 416 -14.22 1.88 -2.96
C ASP A 416 -13.94 0.67 -2.03
N ALA A 417 -13.82 0.96 -0.73
CA ALA A 417 -13.30 0.08 0.34
C ALA A 417 -11.82 -0.31 0.18
N VAL A 418 -11.26 -0.91 1.26
CA VAL A 418 -9.93 -1.57 1.24
C VAL A 418 -10.04 -3.08 1.57
N ASP A 419 -11.07 -3.44 2.34
CA ASP A 419 -11.33 -4.82 2.75
C ASP A 419 -12.20 -5.55 1.71
N GLY A 420 -12.27 -4.97 0.51
CA GLY A 420 -13.17 -5.43 -0.55
C GLY A 420 -12.79 -6.78 -1.12
N ASN A 421 -11.49 -7.10 -1.11
CA ASN A 421 -11.12 -8.43 -1.56
C ASN A 421 -11.45 -9.52 -0.57
N TYR A 422 -11.76 -9.13 0.66
CA TYR A 422 -12.38 -10.04 1.61
C TYR A 422 -13.92 -10.03 1.50
N ARG A 423 -14.51 -8.85 1.40
CA ARG A 423 -15.97 -8.76 1.40
C ARG A 423 -16.62 -9.29 0.11
N ARG A 424 -15.92 -9.23 -1.02
CA ARG A 424 -16.48 -9.68 -2.33
C ARG A 424 -16.42 -11.19 -2.58
N ILE A 425 -15.80 -11.95 -1.68
CA ILE A 425 -15.64 -13.39 -1.86
C ILE A 425 -16.56 -14.17 -0.91
N GLU A 426 -17.04 -15.31 -1.34
CA GLU A 426 -17.87 -16.14 -0.48
C GLU A 426 -16.93 -16.82 0.53
N ILE A 427 -16.59 -16.12 1.62
CA ILE A 427 -15.71 -16.67 2.67
C ILE A 427 -16.49 -17.03 3.91
N ARG A 428 -16.42 -18.30 4.30
CA ARG A 428 -17.21 -18.76 5.46
C ARG A 428 -16.40 -19.62 6.39
N GLY A 429 -16.44 -19.28 7.66
CA GLY A 429 -15.64 -19.97 8.65
C GLY A 429 -16.50 -20.91 9.42
N ARG A 430 -16.19 -21.09 10.71
CA ARG A 430 -16.86 -22.11 11.49
C ARG A 430 -18.36 -21.84 11.52
N ASP A 431 -19.14 -22.90 11.47
CA ASP A 431 -20.60 -22.82 11.56
C ASP A 431 -21.21 -21.94 10.47
N GLY A 432 -20.56 -21.91 9.30
CA GLY A 432 -21.08 -21.18 8.13
C GLY A 432 -21.09 -19.67 8.26
N LEU A 433 -20.39 -19.16 9.29
CA LEU A 433 -20.38 -17.73 9.59
C LEU A 433 -19.67 -16.98 8.48
N HIS A 434 -20.38 -16.07 7.83
CA HIS A 434 -19.83 -15.31 6.69
C HIS A 434 -18.93 -14.25 7.24
N ILE A 435 -17.81 -14.06 6.54
CA ILE A 435 -16.87 -12.97 6.86
C ILE A 435 -17.50 -11.58 7.02
N ASN A 436 -18.58 -11.32 6.29
CA ASN A 436 -19.23 -10.02 6.33
C ASN A 436 -20.08 -9.86 7.57
N ASP A 437 -20.53 -10.99 8.10
CA ASP A 437 -21.31 -11.02 9.33
C ASP A 437 -20.39 -11.04 10.56
N HIS A 438 -19.22 -11.67 10.42
CA HIS A 438 -18.18 -11.70 11.47
C HIS A 438 -17.61 -10.31 11.64
N TRP A 439 -17.09 -9.73 10.56
CA TRP A 439 -16.84 -8.30 10.52
C TRP A 439 -18.12 -7.51 10.25
N ASP A 440 -19.05 -7.51 11.23
CA ASP A 440 -20.34 -6.81 11.06
C ASP A 440 -20.13 -5.33 11.22
N GLY A 441 -18.90 -4.95 11.59
CA GLY A 441 -18.51 -3.55 11.66
C GLY A 441 -17.16 -3.37 10.98
N GLN A 442 -16.24 -2.72 11.69
CA GLN A 442 -14.87 -2.53 11.19
C GLN A 442 -14.25 -3.91 11.05
N PRO A 443 -13.43 -4.13 10.02
CA PRO A 443 -12.73 -5.43 10.11
C PRO A 443 -11.68 -5.44 11.24
N THR A 444 -11.43 -6.62 11.79
CA THR A 444 -10.57 -6.77 12.95
C THR A 444 -9.54 -7.83 12.64
N SER A 445 -8.52 -7.90 13.47
CA SER A 445 -7.57 -9.00 13.42
C SER A 445 -7.01 -9.27 14.80
N TYR A 446 -6.42 -10.44 14.96
CA TYR A 446 -5.46 -10.62 16.03
C TYR A 446 -4.07 -10.52 15.34
N LEU A 447 -3.30 -9.51 15.73
CA LEU A 447 -1.91 -9.43 15.33
C LEU A 447 -1.77 -9.16 13.84
N GLY A 448 -2.84 -8.75 13.15
CA GLY A 448 -2.72 -8.36 11.74
C GLY A 448 -2.82 -9.51 10.73
N VAL A 449 -2.77 -10.76 11.21
CA VAL A 449 -2.71 -11.97 10.38
C VAL A 449 -3.83 -12.99 10.61
N SER A 450 -4.72 -12.76 11.56
CA SER A 450 -5.73 -13.78 11.88
C SER A 450 -7.02 -13.16 12.46
N THR A 451 -8.06 -13.98 12.56
CA THR A 451 -9.33 -13.51 13.08
C THR A 451 -10.15 -14.64 13.62
N ALA A 452 -10.82 -14.37 14.73
CA ALA A 452 -11.72 -15.34 15.35
C ALA A 452 -12.67 -15.98 14.33
N ASN A 453 -12.97 -17.26 14.56
CA ASN A 453 -13.94 -18.04 13.76
C ASN A 453 -13.40 -18.57 12.45
N PHE A 454 -12.20 -18.15 12.05
CA PHE A 454 -11.60 -18.66 10.80
C PHE A 454 -10.28 -19.35 11.11
N PRO A 455 -10.35 -20.66 11.39
CA PRO A 455 -9.16 -21.40 11.79
C PRO A 455 -8.32 -21.75 10.59
N ASN A 456 -7.01 -21.82 10.81
CA ASN A 456 -6.08 -22.21 9.77
C ASN A 456 -6.16 -21.28 8.57
N TRP A 457 -6.54 -20.04 8.83
CA TRP A 457 -6.82 -19.05 7.80
C TRP A 457 -6.05 -17.82 8.18
N PHE A 458 -5.14 -17.39 7.30
CA PHE A 458 -4.27 -16.27 7.63
C PHE A 458 -4.36 -15.09 6.68
N MET A 459 -3.83 -13.97 7.14
CA MET A 459 -3.84 -12.75 6.35
C MET A 459 -2.47 -12.11 6.32
N VAL A 460 -2.08 -11.69 5.12
CA VAL A 460 -0.90 -10.90 4.90
C VAL A 460 -1.44 -9.52 4.69
N LEU A 461 -0.92 -8.57 5.49
CA LEU A 461 -1.43 -7.20 5.54
C LEU A 461 -2.95 -7.11 5.75
N GLY A 462 -3.44 -7.90 6.70
CA GLY A 462 -4.85 -7.79 7.10
C GLY A 462 -5.02 -6.55 7.93
N PRO A 463 -6.23 -6.29 8.44
CA PRO A 463 -6.47 -5.11 9.29
C PRO A 463 -5.69 -5.15 10.63
N ASN A 464 -5.52 -3.98 11.24
CA ASN A 464 -4.82 -3.83 12.53
C ASN A 464 -3.37 -4.31 12.46
N GLY A 465 -2.71 -4.05 11.35
CA GLY A 465 -1.32 -4.43 11.19
C GLY A 465 -0.43 -3.23 11.05
N PRO A 466 0.89 -3.47 10.99
CA PRO A 466 1.88 -2.41 11.03
C PRO A 466 1.78 -1.46 9.86
N PHE A 467 2.32 -0.26 10.04
CA PHE A 467 2.23 0.80 9.04
C PHE A 467 3.66 1.31 8.77
N THR A 468 4.19 0.98 7.61
CA THR A 468 5.61 0.81 7.52
C THR A 468 6.00 0.81 6.05
N ASN A 469 7.29 0.88 5.71
CA ASN A 469 7.79 0.37 4.42
C ASN A 469 7.36 -1.08 4.40
N LEU A 470 6.45 -1.43 3.49
CA LEU A 470 5.70 -2.68 3.63
C LEU A 470 6.43 -4.02 3.32
N PRO A 471 7.35 -4.06 2.34
CA PRO A 471 7.94 -5.41 2.18
C PRO A 471 8.55 -6.02 3.46
N PRO A 472 9.32 -5.26 4.26
CA PRO A 472 9.82 -5.97 5.46
C PRO A 472 8.73 -6.43 6.42
N SER A 473 7.57 -5.78 6.38
CA SER A 473 6.41 -6.23 7.21
C SER A 473 5.70 -7.43 6.58
N ILE A 474 5.58 -7.42 5.26
CA ILE A 474 5.11 -8.61 4.58
C ILE A 474 5.97 -9.81 4.97
N GLU A 475 7.29 -9.67 4.89
CA GLU A 475 8.19 -10.78 5.30
C GLU A 475 7.97 -11.24 6.72
N THR A 476 7.81 -10.29 7.64
CA THR A 476 7.62 -10.62 9.05
C THR A 476 6.40 -11.52 9.19
N GLN A 477 5.29 -11.07 8.58
CA GLN A 477 4.01 -11.76 8.63
C GLN A 477 4.11 -13.14 7.97
N VAL A 478 4.66 -13.20 6.77
CA VAL A 478 4.74 -14.46 6.03
C VAL A 478 5.65 -15.46 6.72
N GLU A 479 6.78 -14.98 7.23
CA GLU A 479 7.70 -15.78 8.06
C GLU A 479 6.99 -16.40 9.27
N TRP A 480 6.27 -15.58 10.01
CA TRP A 480 5.54 -15.99 11.19
C TRP A 480 4.41 -16.95 10.81
N ILE A 481 3.70 -16.68 9.73
CA ILE A 481 2.60 -17.53 9.32
C ILE A 481 3.17 -18.87 8.90
N SER A 482 4.29 -18.83 8.18
CA SER A 482 4.96 -20.01 7.76
C SER A 482 5.43 -20.80 8.98
N ASP A 483 6.03 -20.12 9.98
CA ASP A 483 6.49 -20.80 11.24
C ASP A 483 5.34 -21.52 11.92
N THR A 484 4.23 -20.81 12.00
CA THR A 484 3.00 -21.30 12.57
C THR A 484 2.52 -22.55 11.82
N ILE A 485 2.47 -22.49 10.49
CA ILE A 485 1.95 -23.63 9.72
C ILE A 485 2.86 -24.84 9.89
N GLY A 486 4.18 -24.63 9.87
CA GLY A 486 5.16 -25.67 10.16
C GLY A 486 5.00 -26.29 11.54
N TYR A 487 4.70 -25.45 12.50
CA TYR A 487 4.42 -25.87 13.84
C TYR A 487 3.20 -26.80 13.88
N ALA A 488 2.12 -26.39 13.21
CA ALA A 488 0.91 -27.20 13.16
C ALA A 488 1.20 -28.54 12.51
N GLU A 489 1.99 -28.54 11.43
CA GLU A 489 2.31 -29.79 10.76
C GLU A 489 3.10 -30.78 11.63
N ARG A 490 4.04 -30.26 12.41
CA ARG A 490 4.92 -31.08 13.19
C ARG A 490 4.15 -31.62 14.36
N ASN A 491 3.16 -30.85 14.82
CA ASN A 491 2.57 -31.12 16.12
C ASN A 491 1.17 -31.73 16.07
N GLY A 492 0.81 -32.22 14.87
CA GLY A 492 -0.51 -32.76 14.65
C GLY A 492 -1.60 -31.84 15.13
N VAL A 493 -1.47 -30.56 14.80
CA VAL A 493 -2.54 -29.61 15.10
C VAL A 493 -3.57 -29.71 14.00
N ARG A 494 -4.86 -29.72 14.37
CA ARG A 494 -5.88 -29.70 13.31
C ARG A 494 -6.43 -28.32 12.99
N ALA A 495 -6.51 -27.45 14.02
CA ALA A 495 -7.03 -26.08 13.86
C ALA A 495 -6.40 -25.09 14.83
N ILE A 496 -6.07 -23.91 14.31
CA ILE A 496 -5.56 -22.85 15.15
C ILE A 496 -6.27 -21.58 14.76
N GLU A 497 -6.79 -20.88 15.78
CA GLU A 497 -7.56 -19.67 15.57
C GLU A 497 -7.49 -18.79 16.83
N PRO A 498 -7.53 -17.47 16.65
CA PRO A 498 -7.48 -16.58 17.82
C PRO A 498 -8.76 -16.64 18.65
N THR A 499 -8.67 -16.26 19.93
CA THR A 499 -9.84 -16.14 20.79
C THR A 499 -10.50 -14.78 20.56
N PRO A 500 -11.80 -14.64 20.90
CA PRO A 500 -12.41 -13.32 20.74
C PRO A 500 -11.82 -12.28 21.71
N GLU A 501 -11.52 -12.69 22.94
CA GLU A 501 -10.78 -11.88 23.92
C GLU A 501 -9.45 -11.33 23.40
N ALA A 502 -8.61 -12.22 22.88
CA ALA A 502 -7.27 -11.84 22.36
C ALA A 502 -7.37 -10.86 21.20
N GLU A 503 -8.31 -11.12 20.30
CA GLU A 503 -8.60 -10.26 19.13
C GLU A 503 -9.05 -8.90 19.58
N ALA A 504 -10.05 -8.90 20.45
CA ALA A 504 -10.55 -7.65 21.05
C ALA A 504 -9.49 -6.92 21.88
N GLU A 505 -8.66 -7.65 22.63
CA GLU A 505 -7.49 -7.00 23.27
C GLU A 505 -6.52 -6.37 22.22
N TRP A 506 -6.28 -7.06 21.10
CA TRP A 506 -5.46 -6.49 20.06
C TRP A 506 -6.05 -5.20 19.49
N THR A 507 -7.37 -5.15 19.31
CA THR A 507 -8.01 -3.94 18.80
C THR A 507 -7.83 -2.82 19.81
N GLU A 508 -8.05 -3.12 21.09
CA GLU A 508 -7.85 -2.11 22.12
C GLU A 508 -6.41 -1.61 22.13
N THR A 509 -5.48 -2.51 21.86
CA THR A 509 -4.08 -2.12 21.82
C THR A 509 -3.79 -1.18 20.64
N CYS A 510 -4.33 -1.50 19.45
CA CYS A 510 -4.12 -0.63 18.31
C CYS A 510 -4.80 0.71 18.54
N THR A 511 -5.93 0.70 19.26
CA THR A 511 -6.69 1.95 19.46
C THR A 511 -6.00 2.86 20.47
N GLU A 512 -5.44 2.30 21.55
CA GLU A 512 -4.59 3.12 22.45
C GLU A 512 -3.42 3.87 21.74
N ILE A 513 -2.62 3.10 21.01
CA ILE A 513 -1.44 3.61 20.37
C ILE A 513 -1.89 4.69 19.37
N ALA A 514 -2.93 4.41 18.59
CA ALA A 514 -3.45 5.38 17.61
C ALA A 514 -3.94 6.70 18.24
N ASN A 515 -4.52 6.59 19.45
CA ASN A 515 -5.09 7.77 20.11
C ASN A 515 -4.01 8.66 20.66
N ALA A 516 -2.80 8.15 20.83
CA ALA A 516 -1.65 8.99 21.21
C ALA A 516 -1.17 9.88 20.03
N THR A 517 -1.55 9.50 18.81
CA THR A 517 -1.07 10.22 17.63
C THR A 517 -2.09 11.21 17.15
N LEU A 518 -1.64 12.11 16.27
CA LEU A 518 -2.51 13.04 15.56
C LEU A 518 -3.28 12.40 14.40
N PHE A 519 -2.87 11.22 13.93
CA PHE A 519 -3.53 10.59 12.75
C PHE A 519 -5.01 10.37 13.00
N THR A 520 -5.39 10.46 14.26
CA THR A 520 -6.77 10.57 14.67
C THR A 520 -7.07 12.05 14.94
N LYS A 521 -7.95 12.65 14.14
CA LYS A 521 -8.51 14.00 14.38
C LYS A 521 -8.25 14.95 13.22
N SER A 537 -12.43 5.36 9.24
CA SER A 537 -11.19 4.84 8.65
C SER A 537 -10.48 3.79 9.54
N VAL A 538 -9.56 3.05 8.91
CA VAL A 538 -9.05 1.79 9.47
C VAL A 538 -7.95 1.94 10.52
N LEU A 539 -7.91 0.95 11.39
CA LEU A 539 -7.01 0.96 12.48
C LEU A 539 -5.78 0.11 12.18
N PHE A 540 -4.67 0.79 11.85
CA PHE A 540 -3.33 0.20 11.87
C PHE A 540 -2.83 -0.06 13.28
N TYR A 541 -1.82 -0.91 13.36
CA TYR A 541 -1.05 -1.03 14.54
C TYR A 541 0.05 0.01 14.35
N LEU A 542 0.19 0.94 15.28
CA LEU A 542 1.16 2.02 15.03
C LEU A 542 2.37 1.97 15.94
N GLY A 543 2.71 0.79 16.43
CA GLY A 543 3.83 0.68 17.31
C GLY A 543 5.18 0.65 16.61
N GLY A 544 5.17 0.44 15.28
CA GLY A 544 6.38 0.32 14.48
C GLY A 544 6.85 -1.12 14.35
N LEU A 545 7.76 -1.32 13.39
CA LEU A 545 8.14 -2.68 12.94
C LEU A 545 8.86 -3.42 14.00
N ARG A 546 9.77 -2.74 14.69
CA ARG A 546 10.54 -3.38 15.75
C ARG A 546 9.61 -3.92 16.85
N ASN A 547 8.70 -3.06 17.31
CA ASN A 547 7.72 -3.44 18.32
C ASN A 547 6.84 -4.60 17.84
N TYR A 548 6.40 -4.46 16.59
CA TYR A 548 5.56 -5.44 15.98
C TYR A 548 6.23 -6.79 15.86
N ARG A 549 7.50 -6.77 15.50
CA ARG A 549 8.26 -7.97 15.34
C ARG A 549 8.44 -8.68 16.68
N ALA A 550 8.68 -7.92 17.76
CA ALA A 550 8.81 -8.47 19.11
C ALA A 550 7.48 -9.06 19.56
N VAL A 551 6.38 -8.36 19.27
CA VAL A 551 5.05 -8.89 19.62
C VAL A 551 4.85 -10.29 19.00
N MET A 552 5.22 -10.40 17.72
CA MET A 552 5.06 -11.64 16.96
C MET A 552 5.98 -12.73 17.44
N ALA A 553 7.25 -12.42 17.67
CA ALA A 553 8.15 -13.47 18.17
C ALA A 553 7.71 -14.00 19.52
N GLU A 554 7.33 -13.08 20.39
CA GLU A 554 6.85 -13.40 21.73
C GLU A 554 5.62 -14.34 21.69
N VAL A 555 4.59 -13.96 20.91
CA VAL A 555 3.42 -14.82 20.74
C VAL A 555 3.82 -16.25 20.32
N ALA A 556 4.77 -16.40 19.40
CA ALA A 556 5.13 -17.74 18.96
C ALA A 556 5.86 -18.49 20.07
N ALA A 557 6.74 -17.78 20.75
CA ALA A 557 7.59 -18.38 21.76
C ALA A 557 6.75 -18.76 22.96
N ASP A 558 5.75 -17.95 23.27
CA ASP A 558 4.90 -18.23 24.41
C ASP A 558 3.83 -19.27 23.99
N GLY A 559 4.13 -20.03 22.95
CA GLY A 559 3.22 -21.07 22.49
C GLY A 559 1.89 -20.62 21.91
N TYR A 560 1.90 -19.50 21.18
CA TYR A 560 0.75 -18.95 20.44
C TYR A 560 -0.35 -18.46 21.41
N ARG A 561 0.07 -17.66 22.40
CA ARG A 561 -0.84 -16.99 23.32
C ARG A 561 -1.85 -16.21 22.52
N GLY A 562 -3.12 -16.34 22.92
CA GLY A 562 -4.23 -15.73 22.21
C GLY A 562 -4.89 -16.66 21.19
N PHE A 563 -4.21 -17.74 20.85
CA PHE A 563 -4.79 -18.71 19.92
C PHE A 563 -5.35 -19.92 20.66
N GLU A 564 -6.46 -20.44 20.16
CA GLU A 564 -6.98 -21.74 20.56
C GLU A 564 -6.42 -22.73 19.57
N VAL A 565 -5.91 -23.83 20.09
CA VAL A 565 -5.16 -24.78 19.34
C VAL A 565 -5.79 -26.16 19.47
N LYS A 566 -6.61 -26.57 18.50
CA LYS A 566 -7.17 -27.92 18.59
C LYS A 566 -6.29 -28.97 17.96
N SER A 567 -6.08 -30.05 18.69
CA SER A 567 -5.56 -31.25 18.09
C SER A 567 -6.58 -32.38 18.27
#